data_5BWN
#
_entry.id   5BWN
#
_cell.length_a   44.102
_cell.length_b   54.691
_cell.length_c   117.257
_cell.angle_alpha   90.00
_cell.angle_beta   90.00
_cell.angle_gamma   90.00
#
_symmetry.space_group_name_H-M   'P 21 21 21'
#
loop_
_entity.id
_entity.type
_entity.pdbx_description
1 polymer 'myristoyl H3K9 peptide'
2 polymer 'NAD-dependent protein deacetylase sirtuin-3, mitochondrial'
3 non-polymer 'ZINC ION'
4 water water
#
loop_
_entity_poly.entity_id
_entity_poly.type
_entity_poly.pdbx_seq_one_letter_code
_entity_poly.pdbx_strand_id
1 'polypeptide(L)' QTAR(MYK)STGGW B
2 'polypeptide(L)'
;MASMTGGQQMGRGSHHHHHHENLYFQGSDKGKLSLQDVAELIRARACQRVVVMVGAGISTPSGIPDFRSPGSGLYSNLQQ
YDLPYPEAIFELPFFFHNPKPFFTLAKELYPGNYKPNVTHYFLRLLHDKGLLLRLYTQNIDGLERVSGIPASKLVEAHGT
FASATCTVCQRPFPGEDIRADVMADRVPRCPVCTGVVKPDIVFFGEPLPQRFLLHVVDFPMADLLLILGTSLEVEPFASL
TEAVRSSVPRLLINRDLVGPLAWHPRSRDVAQLGDVVHGVESLVELLGWTEEMRDLVQRETGKLDGPDK
;
A
#
loop_
_chem_comp.id
_chem_comp.type
_chem_comp.name
_chem_comp.formula
ZN non-polymer 'ZINC ION' 'Zn 2'
#
# COMPACT_ATOMS: atom_id res chain seq x y z
N THR A 2 -16.70 -17.08 1.82
CA THR A 2 -15.87 -16.19 0.94
C THR A 2 -15.32 -15.06 1.81
N ALA A 3 -14.45 -15.40 2.77
CA ALA A 3 -13.97 -14.44 3.76
C ALA A 3 -12.45 -14.44 3.81
N ARG A 4 -11.87 -13.34 4.33
CA ARG A 4 -10.44 -13.29 4.66
C ARG A 4 -9.88 -11.91 5.09
C MYK A 5 -10.43 -9.13 6.03
N MYK A 5 -10.30 -10.81 4.47
O MYK A 5 -11.60 -9.26 6.12
CA MYK A 5 -9.85 -9.61 4.89
CB MYK A 5 -9.80 -8.70 3.64
CD MYK A 5 -9.20 -6.41 2.81
CE MYK A 5 -8.70 -5.00 3.19
CG MYK A 5 -9.02 -7.40 3.99
CI MYK A 5 -8.86 0.46 1.97
CK MYK A 5 -8.47 1.90 1.50
CL MYK A 5 -6.95 2.00 1.29
CM MYK A 5 -6.58 3.37 0.65
CP MYK A 5 -5.15 3.20 0.04
CQ MYK A 5 -3.44 5.95 0.04
CR MYK A 5 -4.84 4.23 -1.11
CS MYK A 5 -3.68 5.93 1.56
CT MYK A 5 -8.76 -0.53 0.78
CU MYK A 5 -4.76 5.72 -0.73
CV MYK A 5 -3.53 8.24 2.33
CW MYK A 5 -4.52 7.10 2.10
CX MYK A 5 -8.89 -2.68 2.10
OX MYK A 5 -7.99 -2.27 2.74
CY MYK A 5 -9.63 -1.76 1.08
NZ MYK A 5 -9.35 -4.07 2.25
H MYK A 5 -10.02 -11.16 3.71
HA MYK A 5 -8.93 -9.76 5.12
HB MYK A 5 -10.71 -8.49 3.36
HBA MYK A 5 -9.35 -9.17 2.92
HD MYK A 5 -8.67 -6.73 2.05
HDA MYK A 5 -10.13 -6.37 2.57
HE MYK A 5 -7.74 -4.94 3.10
HEA MYK A 5 -8.97 -4.78 4.10
HG MYK A 5 -9.38 -7.01 4.80
HGA MYK A 5 -8.09 -7.60 4.12
HI MYK A 5 -8.26 0.18 2.67
HIA MYK A 5 -9.77 0.48 2.30
HK MYK A 5 -8.93 2.09 0.67
HKA MYK A 5 -8.76 2.53 2.17
HL MYK A 5 -6.66 1.28 0.70
HLA MYK A 5 -6.50 1.93 2.14
HM MYK A 5 -6.57 4.07 1.32
HMA MYK A 5 -7.22 3.59 -0.05
HP MYK A 5 -4.51 3.32 0.75
HPA MYK A 5 -5.08 2.30 -0.32
HQ MYK A 5 -2.81 5.25 -0.19
HQA MYK A 5 -3.08 6.81 -0.21
HR MYK A 5 -3.99 3.97 -1.49
HRA MYK A 5 -5.54 4.14 -1.79
HS MYK A 5 -4.12 5.10 1.80
HSA MYK A 5 -2.81 5.95 2.01
HT MYK A 5 -9.08 -0.10 -0.03
HTA MYK A 5 -7.84 -0.80 0.66
HU MYK A 5 -4.77 6.26 -1.53
HUA MYK A 5 -5.52 5.95 -0.17
HV MYK A 5 -4.02 9.01 2.67
HVA MYK A 5 -3.10 8.47 1.50
HVB MYK A 5 -2.86 7.96 2.97
HW MYK A 5 -4.95 6.84 2.94
HWA MYK A 5 -5.19 7.35 1.44
HY MYK A 5 -9.79 -2.25 0.27
HYA MYK A 5 -10.48 -1.48 1.47
HNZ MYK A 5 -10.01 -4.34 1.77
N SER A 6 -9.68 -8.57 6.97
CA SER A 6 -10.31 -8.04 8.20
C SER A 6 -9.59 -6.90 8.92
N THR A 7 -10.34 -6.17 9.74
CA THR A 7 -9.79 -5.07 10.53
C THR A 7 -10.65 -4.91 11.79
N GLY A 8 -10.02 -4.55 12.89
CA GLY A 8 -10.74 -4.22 14.12
C GLY A 8 -11.90 -5.13 14.51
N GLY A 9 -12.01 -6.31 13.88
CA GLY A 9 -13.01 -7.29 14.26
C GLY A 9 -13.66 -8.02 13.09
N TRP A 10 -13.26 -9.27 12.86
CA TRP A 10 -13.97 -10.18 11.94
C TRP A 10 -13.84 -11.65 12.37
N GLY B 31 23.96 -7.85 18.37
CA GLY B 31 23.22 -7.17 19.41
C GLY B 31 22.07 -6.34 18.88
N LYS B 32 22.01 -5.07 19.30
CA LYS B 32 20.92 -4.18 18.93
C LYS B 32 21.36 -3.31 17.74
N LEU B 33 20.74 -3.54 16.59
CA LEU B 33 21.16 -2.88 15.35
C LEU B 33 20.67 -1.43 15.29
N SER B 34 21.38 -0.64 14.49
CA SER B 34 21.06 0.75 14.20
C SER B 34 20.66 0.90 12.74
N LEU B 35 20.10 2.06 12.41
CA LEU B 35 19.83 2.35 11.00
C LEU B 35 21.13 2.37 10.20
N GLN B 36 22.21 2.89 10.79
CA GLN B 36 23.52 2.83 10.13
C GLN B 36 23.92 1.39 9.84
N ASP B 37 23.62 0.47 10.77
CA ASP B 37 24.00 -0.93 10.58
C ASP B 37 23.25 -1.52 9.39
N VAL B 38 21.98 -1.17 9.26
CA VAL B 38 21.21 -1.64 8.10
C VAL B 38 21.83 -1.12 6.82
N ALA B 39 22.13 0.18 6.77
CA ALA B 39 22.77 0.75 5.59
C ALA B 39 24.05 -0.02 5.23
N GLU B 40 24.83 -0.41 6.23
CA GLU B 40 26.08 -1.12 5.95
C GLU B 40 25.80 -2.49 5.33
N LEU B 41 24.76 -3.18 5.80
CA LEU B 41 24.41 -4.47 5.21
C LEU B 41 23.89 -4.32 3.78
N ILE B 42 23.28 -3.18 3.44
CA ILE B 42 22.77 -2.99 2.09
C ILE B 42 23.92 -2.71 1.11
N ARG B 43 24.81 -1.79 1.49
CA ARG B 43 26.00 -1.53 0.68
C ARG B 43 26.88 -2.75 0.54
N ALA B 44 26.94 -3.59 1.58
CA ALA B 44 27.77 -4.80 1.56
C ALA B 44 27.09 -5.97 0.86
N ARG B 45 25.90 -5.77 0.29
CA ARG B 45 25.11 -6.84 -0.30
C ARG B 45 25.11 -8.10 0.54
N ALA B 46 25.23 -7.95 1.87
CA ALA B 46 24.78 -9.01 2.77
C ALA B 46 23.27 -9.07 2.81
N CYS B 47 22.61 -7.93 2.57
CA CYS B 47 21.17 -7.86 2.35
C CYS B 47 20.96 -7.51 0.88
N GLN B 48 20.59 -8.52 0.09
CA GLN B 48 20.47 -8.42 -1.35
C GLN B 48 19.07 -8.81 -1.84
N ARG B 49 18.20 -9.27 -0.94
CA ARG B 49 16.84 -9.70 -1.27
C ARG B 49 15.89 -9.00 -0.29
N VAL B 50 15.61 -7.72 -0.54
CA VAL B 50 14.77 -6.92 0.36
C VAL B 50 13.30 -7.13 0.00
N VAL B 51 12.48 -7.43 1.02
CA VAL B 51 11.02 -7.45 0.89
C VAL B 51 10.48 -6.24 1.64
N VAL B 52 9.47 -5.60 1.05
CA VAL B 52 8.95 -4.34 1.55
C VAL B 52 7.45 -4.45 1.74
N MET B 53 6.96 -3.94 2.88
CA MET B 53 5.55 -3.87 3.24
C MET B 53 5.20 -2.40 3.44
N VAL B 54 4.16 -1.91 2.76
CA VAL B 54 3.81 -0.49 2.86
C VAL B 54 2.32 -0.29 3.11
N GLY B 55 2.01 0.85 3.73
CA GLY B 55 0.64 1.21 4.02
C GLY B 55 0.33 2.66 3.68
N ALA B 56 -0.82 3.15 4.17
CA ALA B 56 -1.29 4.46 3.79
C ALA B 56 -0.28 5.56 4.09
N GLY B 57 0.65 5.32 5.02
CA GLY B 57 1.61 6.30 5.46
C GLY B 57 2.61 6.75 4.42
N ILE B 58 2.82 5.97 3.35
CA ILE B 58 3.75 6.41 2.32
C ILE B 58 3.09 7.27 1.24
N SER B 59 1.76 7.43 1.26
CA SER B 59 1.06 8.12 0.19
C SER B 59 0.46 9.46 0.61
N THR B 60 0.19 9.69 1.89
CA THR B 60 -0.25 11.02 2.30
C THR B 60 0.74 12.11 1.91
N PRO B 61 2.06 11.89 1.91
CA PRO B 61 2.97 12.95 1.42
C PRO B 61 2.77 13.28 -0.07
N SER B 62 2.10 12.43 -0.84
CA SER B 62 1.75 12.78 -2.20
C SER B 62 0.54 13.70 -2.29
N GLY B 63 -0.08 14.02 -1.16
CA GLY B 63 -1.31 14.79 -1.15
C GLY B 63 -2.58 13.97 -1.12
N ILE B 64 -2.49 12.65 -1.15
CA ILE B 64 -3.67 11.80 -0.99
C ILE B 64 -4.25 12.05 0.40
N PRO B 65 -5.45 12.62 0.52
CA PRO B 65 -5.97 12.90 1.87
C PRO B 65 -6.15 11.63 2.68
N ASP B 66 -5.68 11.67 3.93
CA ASP B 66 -5.83 10.54 4.85
C ASP B 66 -7.26 10.52 5.36
N PHE B 67 -8.14 9.93 4.54
CA PHE B 67 -9.56 9.88 4.87
C PHE B 67 -9.84 9.07 6.13
N ARG B 68 -8.85 8.34 6.65
CA ARG B 68 -9.01 7.68 7.95
C ARG B 68 -9.01 8.66 9.11
N SER B 69 -8.45 9.86 8.92
CA SER B 69 -8.29 10.80 10.01
C SER B 69 -9.59 11.57 10.23
N PRO B 70 -10.16 11.56 11.43
CA PRO B 70 -11.30 12.45 11.72
C PRO B 70 -11.00 13.89 11.32
N GLY B 71 -11.98 14.51 10.65
CA GLY B 71 -11.77 15.82 10.06
C GLY B 71 -10.75 15.76 8.94
N SER B 72 -10.50 16.93 8.34
CA SER B 72 -9.56 17.07 7.23
C SER B 72 -9.67 15.90 6.26
N GLY B 73 -10.83 15.71 5.64
CA GLY B 73 -11.98 16.59 5.77
C GLY B 73 -13.09 15.97 4.96
N LEU B 74 -12.67 15.37 3.85
CA LEU B 74 -13.40 14.30 3.18
C LEU B 74 -14.05 13.39 4.21
N TYR B 75 -13.34 13.13 5.32
CA TYR B 75 -13.89 12.31 6.39
C TYR B 75 -15.18 12.90 6.95
N SER B 76 -15.17 14.22 7.22
CA SER B 76 -16.34 14.86 7.80
C SER B 76 -17.44 15.06 6.75
N ASN B 77 -17.06 15.41 5.52
CA ASN B 77 -18.05 15.52 4.45
C ASN B 77 -18.67 14.17 4.14
N LEU B 78 -17.93 13.09 4.34
CA LEU B 78 -18.39 11.76 3.98
C LEU B 78 -19.15 11.07 5.11
N GLN B 79 -19.02 11.57 6.34
CA GLN B 79 -19.85 11.12 7.46
C GLN B 79 -21.29 11.60 7.37
N GLN B 80 -21.63 12.38 6.35
CA GLN B 80 -23.00 12.86 6.19
C GLN B 80 -23.93 11.81 5.60
N TYR B 81 -23.39 10.75 5.01
CA TYR B 81 -24.22 9.64 4.57
C TYR B 81 -24.72 8.84 5.78
N ASP B 82 -25.73 8.02 5.56
CA ASP B 82 -26.20 7.07 6.56
C ASP B 82 -25.27 5.86 6.65
N LEU B 83 -24.00 6.13 6.94
CA LEU B 83 -23.01 5.08 7.17
C LEU B 83 -23.23 4.47 8.56
N PRO B 84 -23.33 3.16 8.67
CA PRO B 84 -23.38 2.56 10.02
C PRO B 84 -22.07 2.78 10.77
N TYR B 85 -20.98 2.37 10.15
CA TYR B 85 -19.63 2.63 10.60
C TYR B 85 -18.77 2.99 9.39
N PRO B 86 -17.67 3.71 9.60
CA PRO B 86 -16.85 4.16 8.45
C PRO B 86 -16.27 3.03 7.62
N GLU B 87 -16.10 1.85 8.20
CA GLU B 87 -15.56 0.72 7.46
C GLU B 87 -16.57 0.15 6.46
N ALA B 88 -17.86 0.47 6.61
CA ALA B 88 -18.86 -0.05 5.68
C ALA B 88 -18.65 0.46 4.27
N ILE B 89 -17.90 1.55 4.10
CA ILE B 89 -17.54 2.02 2.77
C ILE B 89 -16.77 0.95 2.01
N PHE B 90 -16.15 0.01 2.72
CA PHE B 90 -15.43 -1.12 2.13
C PHE B 90 -16.01 -2.46 2.58
N GLU B 91 -17.34 -2.56 2.62
CA GLU B 91 -18.03 -3.82 2.85
C GLU B 91 -19.13 -4.01 1.81
N LEU B 92 -19.24 -5.23 1.28
CA LEU B 92 -20.15 -5.47 0.17
C LEU B 92 -21.61 -5.31 0.57
N PRO B 93 -22.08 -5.88 1.67
CA PRO B 93 -23.49 -5.68 2.04
C PRO B 93 -23.88 -4.21 2.02
N PHE B 94 -23.07 -3.30 2.55
CA PHE B 94 -23.45 -1.89 2.49
C PHE B 94 -23.33 -1.37 1.06
N PHE B 95 -22.30 -1.79 0.34
CA PHE B 95 -22.10 -1.34 -1.04
C PHE B 95 -23.32 -1.64 -1.89
N PHE B 96 -23.89 -2.84 -1.73
CA PHE B 96 -25.09 -3.20 -2.48
C PHE B 96 -26.25 -2.29 -2.10
N HIS B 97 -26.33 -1.91 -0.82
CA HIS B 97 -27.38 -1.00 -0.36
C HIS B 97 -27.23 0.37 -1.00
N ASN B 98 -26.03 0.93 -0.93
CA ASN B 98 -25.76 2.29 -1.41
C ASN B 98 -24.27 2.40 -1.80
N PRO B 99 -23.94 2.30 -3.09
CA PRO B 99 -22.54 2.40 -3.53
C PRO B 99 -22.04 3.83 -3.69
N LYS B 100 -22.83 4.85 -3.38
CA LYS B 100 -22.43 6.23 -3.66
C LYS B 100 -21.31 6.66 -2.73
N PRO B 101 -21.33 6.29 -1.45
CA PRO B 101 -20.18 6.64 -0.59
C PRO B 101 -18.85 6.13 -1.14
N PHE B 102 -18.81 4.87 -1.54
CA PHE B 102 -17.59 4.32 -2.10
C PHE B 102 -17.11 5.12 -3.31
N PHE B 103 -18.00 5.38 -4.29
CA PHE B 103 -17.54 6.02 -5.51
C PHE B 103 -17.13 7.47 -5.26
N THR B 104 -17.72 8.14 -4.28
CA THR B 104 -17.24 9.46 -3.89
C THR B 104 -15.79 9.38 -3.44
N LEU B 105 -15.46 8.40 -2.62
CA LEU B 105 -14.09 8.25 -2.16
C LEU B 105 -13.19 7.78 -3.29
N ALA B 106 -13.72 6.96 -4.21
CA ALA B 106 -12.92 6.45 -5.32
C ALA B 106 -12.50 7.56 -6.26
N LYS B 107 -13.43 8.47 -6.58
CA LYS B 107 -13.15 9.66 -7.36
C LYS B 107 -11.85 10.32 -6.94
N GLU B 108 -11.60 10.37 -5.64
CA GLU B 108 -10.49 11.17 -5.15
C GLU B 108 -9.21 10.37 -4.99
N LEU B 109 -9.29 9.06 -4.80
CA LEU B 109 -8.12 8.19 -4.75
C LEU B 109 -7.72 7.67 -6.12
N TYR B 110 -8.42 8.06 -7.17
CA TYR B 110 -8.29 7.34 -8.43
C TYR B 110 -6.95 7.70 -9.08
N PRO B 111 -6.24 6.72 -9.63
CA PRO B 111 -4.97 7.03 -10.32
C PRO B 111 -5.14 8.18 -11.32
N GLY B 112 -4.14 9.04 -11.40
CA GLY B 112 -4.09 10.12 -12.37
C GLY B 112 -4.06 11.51 -11.78
N ASN B 113 -4.40 11.66 -10.49
CA ASN B 113 -4.43 12.98 -9.86
C ASN B 113 -3.23 13.25 -8.97
N TYR B 114 -2.38 12.24 -8.72
CA TYR B 114 -1.32 12.33 -7.72
C TYR B 114 -0.02 11.78 -8.28
N LYS B 115 1.08 12.30 -7.77
CA LYS B 115 2.40 11.81 -8.16
C LYS B 115 3.03 11.03 -7.01
N PRO B 116 3.85 10.02 -7.30
CA PRO B 116 4.63 9.38 -6.23
C PRO B 116 5.58 10.38 -5.58
N ASN B 117 5.94 10.10 -4.33
CA ASN B 117 6.83 10.96 -3.56
C ASN B 117 8.14 10.21 -3.29
N VAL B 118 9.06 10.87 -2.57
CA VAL B 118 10.38 10.28 -2.35
C VAL B 118 10.30 8.86 -1.83
N THR B 119 9.29 8.55 -1.00
CA THR B 119 9.21 7.21 -0.44
C THR B 119 9.07 6.17 -1.56
N HIS B 120 8.15 6.43 -2.51
CA HIS B 120 7.98 5.54 -3.66
C HIS B 120 9.26 5.42 -4.46
N TYR B 121 9.94 6.54 -4.71
CA TYR B 121 11.12 6.53 -5.56
C TYR B 121 12.29 5.84 -4.88
N PHE B 122 12.34 5.86 -3.54
CA PHE B 122 13.34 5.06 -2.84
C PHE B 122 13.17 3.59 -3.17
N LEU B 123 11.93 3.11 -3.18
CA LEU B 123 11.68 1.72 -3.54
C LEU B 123 12.01 1.45 -5.00
N ARG B 124 11.73 2.42 -5.87
CA ARG B 124 12.16 2.22 -7.26
C ARG B 124 13.67 2.17 -7.36
N LEU B 125 14.37 2.94 -6.53
CA LEU B 125 15.83 2.93 -6.59
C LEU B 125 16.38 1.59 -6.10
N LEU B 126 15.78 1.00 -5.07
CA LEU B 126 16.18 -0.34 -4.68
C LEU B 126 16.01 -1.30 -5.84
N HIS B 127 14.89 -1.19 -6.55
CA HIS B 127 14.64 -2.03 -7.72
C HIS B 127 15.72 -1.81 -8.77
N ASP B 128 15.99 -0.55 -9.10
CA ASP B 128 17.02 -0.27 -10.10
C ASP B 128 18.35 -0.91 -9.72
N LYS B 129 18.66 -0.98 -8.42
CA LYS B 129 19.92 -1.56 -7.95
C LYS B 129 19.84 -3.08 -7.78
N GLY B 130 18.73 -3.69 -8.18
CA GLY B 130 18.60 -5.14 -8.09
C GLY B 130 18.42 -5.67 -6.69
N LEU B 131 18.03 -4.82 -5.73
CA LEU B 131 17.92 -5.19 -4.33
C LEU B 131 16.49 -5.54 -3.91
N LEU B 132 15.49 -5.21 -4.71
CA LEU B 132 14.09 -5.37 -4.34
C LEU B 132 13.61 -6.75 -4.75
N LEU B 133 13.37 -7.62 -3.77
CA LEU B 133 12.77 -8.91 -4.11
C LEU B 133 11.28 -8.74 -4.42
N ARG B 134 10.54 -8.05 -3.55
CA ARG B 134 9.11 -7.83 -3.73
C ARG B 134 8.63 -6.65 -2.91
N LEU B 135 7.62 -5.96 -3.44
CA LEU B 135 6.94 -4.85 -2.74
C LEU B 135 5.50 -5.28 -2.49
N TYR B 136 5.16 -5.44 -1.21
CA TYR B 136 3.81 -5.77 -0.77
C TYR B 136 3.12 -4.49 -0.31
N THR B 137 2.04 -4.12 -1.00
CA THR B 137 1.32 -2.88 -0.70
C THR B 137 -0.13 -3.16 -0.32
N GLN B 138 -0.55 -2.46 0.72
CA GLN B 138 -1.93 -2.30 1.17
C GLN B 138 -2.67 -1.18 0.46
N ASN B 139 -1.96 -0.39 -0.35
CA ASN B 139 -2.52 0.82 -0.93
C ASN B 139 -3.25 0.52 -2.24
N ILE B 140 -4.19 1.38 -2.61
CA ILE B 140 -4.97 1.22 -3.82
C ILE B 140 -4.87 2.48 -4.68
N ASP B 141 -3.92 3.36 -4.35
CA ASP B 141 -3.69 4.56 -5.13
C ASP B 141 -2.84 4.32 -6.37
N GLY B 142 -2.28 3.13 -6.52
CA GLY B 142 -1.53 2.78 -7.71
C GLY B 142 -0.24 3.55 -7.91
N LEU B 143 0.31 4.15 -6.85
CA LEU B 143 1.52 4.95 -7.01
C LEU B 143 2.79 4.11 -7.11
N GLU B 144 2.73 2.84 -6.69
CA GLU B 144 3.89 1.96 -6.87
C GLU B 144 4.16 1.72 -8.34
N ARG B 145 3.14 1.29 -9.09
CA ARG B 145 3.32 1.12 -10.52
C ARG B 145 3.73 2.44 -11.17
N VAL B 146 3.09 3.54 -10.81
CA VAL B 146 3.42 4.81 -11.45
C VAL B 146 4.88 5.19 -11.20
N SER B 147 5.44 4.80 -10.04
CA SER B 147 6.82 5.21 -9.75
C SER B 147 7.83 4.48 -10.61
N GLY B 148 7.43 3.44 -11.34
CA GLY B 148 8.34 2.71 -12.19
C GLY B 148 8.67 1.31 -11.71
N ILE B 149 7.96 0.79 -10.73
CA ILE B 149 8.15 -0.57 -10.26
C ILE B 149 7.32 -1.49 -11.13
N PRO B 150 7.91 -2.51 -11.77
CA PRO B 150 7.13 -3.39 -12.65
C PRO B 150 6.17 -4.29 -11.88
N ALA B 151 5.13 -4.71 -12.60
CA ALA B 151 4.08 -5.54 -12.00
C ALA B 151 4.64 -6.83 -11.43
N SER B 152 5.70 -7.36 -12.03
CA SER B 152 6.23 -8.63 -11.55
C SER B 152 6.83 -8.51 -10.16
N LYS B 153 7.24 -7.31 -9.76
CA LYS B 153 7.87 -7.10 -8.46
C LYS B 153 6.90 -6.57 -7.42
N LEU B 154 5.61 -6.61 -7.69
CA LEU B 154 4.61 -5.95 -6.88
C LEU B 154 3.51 -6.95 -6.55
N VAL B 155 3.01 -6.85 -5.32
CA VAL B 155 1.80 -7.55 -4.87
C VAL B 155 0.86 -6.49 -4.30
N GLU B 156 -0.17 -6.16 -5.07
CA GLU B 156 -1.23 -5.23 -4.66
C GLU B 156 -2.26 -6.04 -3.85
N ALA B 157 -1.95 -6.19 -2.57
CA ALA B 157 -2.66 -7.18 -1.74
C ALA B 157 -4.12 -6.81 -1.51
N HIS B 158 -4.47 -5.53 -1.55
CA HIS B 158 -5.84 -5.09 -1.33
C HIS B 158 -6.52 -4.64 -2.63
N GLY B 159 -5.96 -4.99 -3.76
CA GLY B 159 -6.65 -4.84 -5.02
C GLY B 159 -6.13 -3.66 -5.83
N THR B 160 -6.90 -3.31 -6.85
CA THR B 160 -6.50 -2.25 -7.75
C THR B 160 -7.71 -1.68 -8.45
N PHE B 161 -7.59 -0.40 -8.85
CA PHE B 161 -8.50 0.22 -9.79
C PHE B 161 -8.24 -0.15 -11.24
N ALA B 162 -7.21 -0.97 -11.54
CA ALA B 162 -6.89 -1.27 -12.92
C ALA B 162 -7.89 -2.21 -13.58
N SER B 163 -8.78 -2.83 -12.82
CA SER B 163 -9.78 -3.74 -13.37
C SER B 163 -11.03 -3.65 -12.51
N ALA B 164 -12.17 -4.04 -13.08
CA ALA B 164 -13.46 -3.92 -12.41
C ALA B 164 -14.31 -5.13 -12.78
N THR B 165 -15.41 -5.32 -12.03
CA THR B 165 -16.22 -6.52 -12.16
C THR B 165 -17.68 -6.17 -11.93
N CYS B 166 -18.57 -6.59 -12.85
CA CYS B 166 -19.99 -6.40 -12.61
C CYS B 166 -20.41 -7.19 -11.39
N THR B 167 -21.03 -6.49 -10.42
CA THR B 167 -21.51 -7.14 -9.21
C THR B 167 -22.71 -8.05 -9.44
N VAL B 168 -23.29 -8.05 -10.64
CA VAL B 168 -24.47 -8.86 -10.93
C VAL B 168 -24.12 -10.06 -11.81
N CYS B 169 -23.57 -9.80 -13.02
CA CYS B 169 -23.25 -10.91 -13.92
C CYS B 169 -21.79 -11.37 -13.82
N GLN B 170 -20.95 -10.65 -13.06
CA GLN B 170 -19.56 -11.02 -12.81
C GLN B 170 -18.64 -10.78 -14.00
N ARG B 171 -19.08 -10.07 -15.03
CA ARG B 171 -18.20 -9.81 -16.17
C ARG B 171 -17.03 -8.90 -15.78
N PRO B 172 -15.80 -9.19 -16.23
CA PRO B 172 -14.68 -8.30 -15.92
C PRO B 172 -14.50 -7.22 -16.96
N PHE B 173 -13.97 -6.08 -16.50
CA PHE B 173 -13.71 -4.95 -17.38
C PHE B 173 -12.35 -4.35 -17.07
N PRO B 174 -11.70 -3.73 -18.05
CA PRO B 174 -10.58 -2.83 -17.76
C PRO B 174 -11.03 -1.63 -16.94
N GLY B 175 -10.25 -1.29 -15.91
CA GLY B 175 -10.65 -0.21 -15.02
C GLY B 175 -10.85 1.11 -15.75
N GLU B 176 -10.19 1.27 -16.89
CA GLU B 176 -10.38 2.46 -17.71
C GLU B 176 -11.83 2.63 -18.14
N ASP B 177 -12.57 1.54 -18.28
CA ASP B 177 -13.94 1.62 -18.79
C ASP B 177 -14.87 2.41 -17.88
N ILE B 178 -14.51 2.63 -16.63
CA ILE B 178 -15.41 3.29 -15.68
C ILE B 178 -14.90 4.64 -15.20
N ARG B 179 -13.65 5.02 -15.54
CA ARG B 179 -13.07 6.28 -15.06
C ARG B 179 -14.01 7.45 -15.29
N ALA B 180 -14.51 7.59 -16.53
CA ALA B 180 -15.31 8.75 -16.88
C ALA B 180 -16.57 8.84 -16.02
N ASP B 181 -17.27 7.71 -15.85
CA ASP B 181 -18.39 7.68 -14.91
C ASP B 181 -17.94 8.10 -13.51
N VAL B 182 -16.83 7.52 -13.03
CA VAL B 182 -16.36 7.81 -11.67
C VAL B 182 -16.04 9.29 -11.52
N MET B 183 -15.25 9.84 -12.44
CA MET B 183 -14.87 11.24 -12.33
C MET B 183 -16.07 12.16 -12.50
N ALA B 184 -17.17 11.67 -13.06
CA ALA B 184 -18.35 12.47 -13.29
C ALA B 184 -19.46 12.22 -12.27
N ASP B 185 -19.16 11.54 -11.17
CA ASP B 185 -20.11 11.35 -10.08
C ASP B 185 -21.27 10.45 -10.49
N ARG B 186 -21.08 9.60 -11.48
CA ARG B 186 -22.09 8.64 -11.91
C ARG B 186 -21.68 7.24 -11.46
N VAL B 187 -22.65 6.46 -11.01
CA VAL B 187 -22.37 5.09 -10.57
C VAL B 187 -22.20 4.26 -11.83
N PRO B 188 -21.04 3.66 -12.07
CA PRO B 188 -20.86 2.93 -13.34
C PRO B 188 -21.72 1.69 -13.38
N ARG B 189 -22.38 1.46 -14.52
CA ARG B 189 -23.24 0.30 -14.68
C ARG B 189 -22.80 -0.52 -15.89
N CYS B 190 -23.17 -1.79 -15.84
CA CYS B 190 -22.67 -2.80 -16.74
C CYS B 190 -23.37 -2.71 -18.09
N PRO B 191 -22.64 -2.72 -19.21
CA PRO B 191 -23.31 -2.67 -20.53
C PRO B 191 -24.09 -3.93 -20.86
N VAL B 192 -23.88 -5.02 -20.13
CA VAL B 192 -24.61 -6.27 -20.37
C VAL B 192 -25.88 -6.36 -19.53
N CYS B 193 -25.79 -6.21 -18.20
CA CYS B 193 -26.99 -6.40 -17.37
C CYS B 193 -27.44 -5.15 -16.62
N THR B 194 -26.69 -4.04 -16.70
CA THR B 194 -26.92 -2.77 -16.00
C THR B 194 -26.67 -2.84 -14.50
N GLY B 195 -26.11 -3.94 -14.00
CA GLY B 195 -25.71 -3.98 -12.60
C GLY B 195 -24.51 -3.09 -12.31
N VAL B 196 -24.32 -2.81 -11.03
CA VAL B 196 -23.25 -1.90 -10.61
C VAL B 196 -21.90 -2.56 -10.82
N VAL B 197 -21.00 -1.84 -11.50
CA VAL B 197 -19.64 -2.31 -11.72
C VAL B 197 -18.78 -1.78 -10.57
N LYS B 198 -18.08 -2.70 -9.90
CA LYS B 198 -17.20 -2.39 -8.76
C LYS B 198 -15.74 -2.58 -9.14
N PRO B 199 -14.88 -1.57 -8.98
CA PRO B 199 -13.43 -1.79 -9.15
C PRO B 199 -12.97 -2.95 -8.27
N ASP B 200 -11.88 -3.60 -8.68
CA ASP B 200 -11.40 -4.79 -7.98
C ASP B 200 -10.60 -4.45 -6.72
N ILE B 201 -11.20 -3.64 -5.86
CA ILE B 201 -10.69 -3.42 -4.51
C ILE B 201 -11.16 -4.55 -3.62
N VAL B 202 -10.27 -5.05 -2.76
CA VAL B 202 -10.65 -6.05 -1.77
C VAL B 202 -11.38 -5.35 -0.63
N PHE B 203 -12.63 -5.74 -0.41
CA PHE B 203 -13.40 -5.23 0.71
C PHE B 203 -13.21 -6.12 1.92
N PHE B 204 -13.47 -5.56 3.10
CA PHE B 204 -13.40 -6.37 4.30
C PHE B 204 -14.38 -7.52 4.17
N GLY B 205 -13.92 -8.70 4.57
CA GLY B 205 -14.66 -9.92 4.36
C GLY B 205 -14.40 -10.60 3.02
N GLU B 206 -13.72 -9.95 2.08
CA GLU B 206 -13.47 -10.61 0.80
C GLU B 206 -12.11 -11.32 0.79
N PRO B 207 -11.94 -12.35 -0.03
CA PRO B 207 -10.64 -13.01 -0.12
C PRO B 207 -9.62 -12.13 -0.82
N LEU B 208 -8.38 -12.22 -0.35
CA LEU B 208 -7.29 -11.53 -1.06
C LEU B 208 -6.99 -12.25 -2.38
N PRO B 209 -6.45 -11.53 -3.37
CA PRO B 209 -6.09 -12.18 -4.63
C PRO B 209 -5.07 -13.28 -4.44
N GLN B 210 -5.15 -14.30 -5.30
CA GLN B 210 -4.31 -15.46 -5.16
C GLN B 210 -2.84 -15.12 -5.33
N ARG B 211 -2.53 -14.02 -6.01
CA ARG B 211 -1.14 -13.57 -6.07
C ARG B 211 -0.57 -13.27 -4.68
N PHE B 212 -1.41 -13.08 -3.67
CA PHE B 212 -0.93 -12.88 -2.32
C PHE B 212 -0.14 -14.09 -1.83
N LEU B 213 -0.42 -15.28 -2.37
CA LEU B 213 0.30 -16.48 -1.98
C LEU B 213 1.79 -16.44 -2.31
N LEU B 214 2.24 -15.50 -3.13
CA LEU B 214 3.68 -15.30 -3.26
C LEU B 214 4.36 -15.08 -1.92
N HIS B 215 3.62 -14.67 -0.89
CA HIS B 215 4.29 -14.43 0.39
C HIS B 215 4.92 -15.71 0.92
N VAL B 216 4.39 -16.89 0.53
CA VAL B 216 4.91 -18.15 1.06
C VAL B 216 6.36 -18.37 0.64
N VAL B 217 6.75 -17.88 -0.53
CA VAL B 217 8.11 -18.01 -1.03
C VAL B 217 8.93 -16.76 -0.74
N ASP B 218 8.33 -15.59 -0.92
CA ASP B 218 9.07 -14.33 -0.80
C ASP B 218 9.54 -14.07 0.63
N PHE B 219 8.73 -14.36 1.64
CA PHE B 219 9.21 -13.88 2.92
C PHE B 219 10.33 -14.75 3.47
N PRO B 220 10.29 -16.08 3.31
CA PRO B 220 11.48 -16.89 3.65
C PRO B 220 12.71 -16.57 2.82
N MET B 221 12.57 -16.20 1.54
CA MET B 221 13.74 -15.79 0.76
C MET B 221 14.27 -14.42 1.16
N ALA B 222 13.50 -13.61 1.88
CA ALA B 222 13.97 -12.29 2.25
C ALA B 222 15.20 -12.37 3.15
N ASP B 223 16.17 -11.48 2.92
CA ASP B 223 17.25 -11.28 3.87
C ASP B 223 17.18 -9.94 4.59
N LEU B 224 16.18 -9.11 4.28
CA LEU B 224 15.85 -7.89 5.01
C LEU B 224 14.38 -7.57 4.78
N LEU B 225 13.69 -7.11 5.83
CA LEU B 225 12.29 -6.69 5.77
C LEU B 225 12.19 -5.22 6.15
N LEU B 226 11.66 -4.41 5.26
CA LEU B 226 11.29 -3.02 5.52
C LEU B 226 9.77 -2.90 5.65
N ILE B 227 9.32 -2.20 6.69
CA ILE B 227 7.91 -1.87 6.86
C ILE B 227 7.78 -0.35 6.96
N LEU B 228 7.00 0.24 6.05
CA LEU B 228 6.90 1.69 5.92
C LEU B 228 5.45 2.12 6.02
N GLY B 229 5.18 3.09 6.89
CA GLY B 229 3.91 3.81 6.88
C GLY B 229 2.66 2.96 7.03
N THR B 230 2.62 2.14 8.08
CA THR B 230 1.41 1.38 8.37
C THR B 230 1.30 1.12 9.86
N SER B 231 0.06 0.96 10.31
CA SER B 231 -0.25 0.60 11.69
C SER B 231 -0.49 -0.89 11.87
N LEU B 232 -0.40 -1.69 10.80
CA LEU B 232 -0.52 -3.14 10.89
C LEU B 232 -1.83 -3.56 11.56
N GLU B 233 -2.93 -2.91 11.19
CA GLU B 233 -4.24 -3.21 11.76
C GLU B 233 -5.13 -4.03 10.83
N VAL B 234 -4.71 -4.28 9.59
CA VAL B 234 -5.50 -5.08 8.64
C VAL B 234 -4.83 -6.44 8.51
N GLU B 235 -5.59 -7.51 8.69
CA GLU B 235 -5.13 -8.89 8.46
C GLU B 235 -5.70 -9.40 7.12
N PRO B 236 -5.06 -10.44 6.53
CA PRO B 236 -3.86 -11.13 7.02
C PRO B 236 -2.55 -10.41 6.70
N PHE B 237 -2.63 -9.25 6.03
CA PHE B 237 -1.41 -8.55 5.63
C PHE B 237 -0.46 -8.38 6.80
N ALA B 238 -0.98 -7.94 7.96
CA ALA B 238 -0.13 -7.54 9.08
C ALA B 238 0.73 -8.70 9.59
N SER B 239 0.22 -9.92 9.55
CA SER B 239 0.98 -11.06 10.07
C SER B 239 2.17 -11.44 9.20
N LEU B 240 2.27 -10.88 8.00
CA LEU B 240 3.48 -11.11 7.20
C LEU B 240 4.72 -10.65 7.94
N THR B 241 4.58 -9.68 8.85
CA THR B 241 5.77 -9.22 9.57
C THR B 241 6.46 -10.36 10.28
N GLU B 242 5.73 -11.43 10.59
CA GLU B 242 6.27 -12.58 11.31
C GLU B 242 6.84 -13.66 10.41
N ALA B 243 6.67 -13.57 9.08
CA ALA B 243 7.02 -14.66 8.16
C ALA B 243 8.49 -14.67 7.72
N VAL B 244 9.29 -13.66 8.03
CA VAL B 244 10.71 -13.71 7.72
C VAL B 244 11.44 -14.63 8.70
N ARG B 245 12.59 -15.14 8.27
CA ARG B 245 13.40 -16.04 9.10
C ARG B 245 13.97 -15.32 10.33
N SER B 246 14.39 -16.13 11.30
CA SER B 246 14.78 -15.62 12.62
C SER B 246 15.99 -14.69 12.58
N SER B 247 16.86 -14.83 11.59
CA SER B 247 18.07 -14.05 11.50
C SER B 247 17.91 -12.73 10.74
N VAL B 248 16.71 -12.42 10.26
CA VAL B 248 16.51 -11.38 9.25
C VAL B 248 16.10 -10.08 9.94
N PRO B 249 16.85 -8.98 9.77
CA PRO B 249 16.42 -7.71 10.37
C PRO B 249 15.08 -7.24 9.83
N ARG B 250 14.28 -6.62 10.72
CA ARG B 250 13.02 -5.97 10.37
C ARG B 250 13.16 -4.50 10.74
N LEU B 251 13.16 -3.63 9.74
CA LEU B 251 13.29 -2.19 9.91
C LEU B 251 11.95 -1.51 9.71
N LEU B 252 11.45 -0.86 10.77
CA LEU B 252 10.18 -0.14 10.71
C LEU B 252 10.47 1.34 10.61
N ILE B 253 9.91 1.98 9.59
CA ILE B 253 9.95 3.42 9.47
C ILE B 253 8.49 3.86 9.52
N ASN B 254 8.11 4.46 10.64
CA ASN B 254 6.71 4.70 10.94
C ASN B 254 6.63 5.71 12.07
N ARG B 255 5.48 6.37 12.15
CA ARG B 255 5.26 7.30 13.25
C ARG B 255 5.32 6.58 14.60
N ASP B 256 4.79 5.36 14.67
CA ASP B 256 4.60 4.66 15.94
C ASP B 256 5.12 3.23 15.86
N LEU B 257 5.46 2.69 17.03
CA LEU B 257 5.80 1.28 17.18
C LEU B 257 4.49 0.48 17.18
N VAL B 258 4.33 -0.46 16.24
CA VAL B 258 3.05 -1.10 16.02
C VAL B 258 3.22 -2.57 15.70
N GLY B 259 2.16 -3.34 15.95
CA GLY B 259 2.09 -4.71 15.54
C GLY B 259 3.13 -5.56 16.24
N PRO B 260 3.55 -6.64 15.59
CA PRO B 260 4.56 -7.52 16.20
C PRO B 260 5.88 -6.84 16.53
N LEU B 261 6.21 -5.72 15.88
CA LEU B 261 7.42 -5.04 16.31
C LEU B 261 7.25 -4.39 17.68
N ALA B 262 6.00 -4.15 18.10
CA ALA B 262 5.73 -3.66 19.43
C ALA B 262 5.63 -4.81 20.43
N TRP B 263 4.77 -5.80 20.15
CA TRP B 263 4.45 -6.81 21.15
C TRP B 263 5.10 -8.17 20.90
N HIS B 264 5.89 -8.34 19.83
CA HIS B 264 6.66 -9.57 19.65
C HIS B 264 8.02 -9.22 19.05
N PRO B 265 8.79 -8.36 19.72
CA PRO B 265 10.06 -7.91 19.14
C PRO B 265 11.07 -9.03 19.02
N ARG B 266 11.97 -8.89 18.04
CA ARG B 266 13.07 -9.81 17.81
C ARG B 266 14.41 -9.08 17.92
N SER B 267 15.49 -9.84 18.07
CA SER B 267 16.76 -9.23 18.43
C SER B 267 17.36 -8.36 17.33
N ARG B 268 17.03 -8.60 16.05
CA ARG B 268 17.57 -7.75 14.99
C ARG B 268 16.54 -6.75 14.45
N ASP B 269 15.54 -6.39 15.26
CA ASP B 269 14.56 -5.37 14.87
C ASP B 269 15.15 -3.98 15.04
N VAL B 270 14.76 -3.08 14.15
CA VAL B 270 15.22 -1.69 14.16
C VAL B 270 14.01 -0.82 13.97
N ALA B 271 13.86 0.22 14.81
CA ALA B 271 12.73 1.13 14.70
C ALA B 271 13.21 2.55 14.50
N GLN B 272 12.84 3.15 13.38
CA GLN B 272 13.14 4.53 13.06
C GLN B 272 11.82 5.31 13.17
N LEU B 273 11.48 5.69 14.39
CA LEU B 273 10.15 6.22 14.65
C LEU B 273 10.13 7.71 14.36
N GLY B 274 9.10 8.13 13.63
CA GLY B 274 8.96 9.51 13.23
C GLY B 274 8.31 9.58 11.85
N ASP B 275 8.39 10.78 11.27
CA ASP B 275 7.89 11.02 9.92
C ASP B 275 8.49 10.01 8.95
N VAL B 276 7.65 9.42 8.11
CA VAL B 276 8.13 8.37 7.21
C VAL B 276 9.10 8.96 6.20
N VAL B 277 8.77 10.13 5.65
CA VAL B 277 9.68 10.77 4.69
C VAL B 277 11.03 11.04 5.34
N HIS B 278 11.01 11.57 6.56
CA HIS B 278 12.27 11.83 7.26
C HIS B 278 13.08 10.57 7.47
N GLY B 279 12.44 9.52 8.00
CA GLY B 279 13.13 8.26 8.19
C GLY B 279 13.75 7.72 6.93
N VAL B 280 13.01 7.77 5.81
CA VAL B 280 13.54 7.26 4.54
C VAL B 280 14.75 8.08 4.10
N GLU B 281 14.62 9.42 4.13
CA GLU B 281 15.71 10.26 3.68
C GLU B 281 16.96 10.07 4.52
N SER B 282 16.80 9.80 5.82
CA SER B 282 17.95 9.53 6.68
C SER B 282 18.67 8.26 6.25
N LEU B 283 17.90 7.22 5.94
CA LEU B 283 18.49 5.98 5.44
C LEU B 283 19.17 6.19 4.09
N VAL B 284 18.53 6.96 3.19
CA VAL B 284 19.16 7.28 1.91
C VAL B 284 20.50 7.96 2.13
N GLU B 285 20.57 8.86 3.11
CA GLU B 285 21.84 9.55 3.38
C GLU B 285 22.90 8.58 3.90
N LEU B 286 22.54 7.73 4.87
CA LEU B 286 23.49 6.77 5.38
C LEU B 286 23.97 5.81 4.29
N LEU B 287 23.10 5.53 3.32
CA LEU B 287 23.49 4.71 2.18
C LEU B 287 24.44 5.45 1.24
N GLY B 288 24.42 6.78 1.24
CA GLY B 288 25.16 7.56 0.26
C GLY B 288 24.43 7.81 -1.03
N TRP B 289 23.09 7.77 -1.04
CA TRP B 289 22.29 7.83 -2.26
C TRP B 289 21.52 9.13 -2.40
N THR B 290 21.85 10.15 -1.60
CA THR B 290 20.98 11.33 -1.53
C THR B 290 20.88 12.02 -2.88
N GLU B 291 22.02 12.25 -3.55
CA GLU B 291 21.97 12.95 -4.83
C GLU B 291 21.55 12.06 -5.99
N GLU B 292 21.76 10.74 -5.89
CA GLU B 292 21.15 9.87 -6.89
C GLU B 292 19.62 9.91 -6.76
N MET B 293 19.10 9.92 -5.53
CA MET B 293 17.67 10.06 -5.28
C MET B 293 17.12 11.38 -5.83
N ARG B 294 17.71 12.51 -5.41
CA ARG B 294 17.31 13.81 -5.94
C ARG B 294 17.18 13.74 -7.47
N ASP B 295 18.21 13.25 -8.15
CA ASP B 295 18.20 13.20 -9.61
C ASP B 295 17.06 12.33 -10.12
N LEU B 296 16.89 11.14 -9.52
CA LEU B 296 15.82 10.23 -9.91
C LEU B 296 14.45 10.87 -9.74
N VAL B 297 14.21 11.50 -8.59
CA VAL B 297 12.91 12.10 -8.33
C VAL B 297 12.62 13.20 -9.35
N GLN B 298 13.59 14.10 -9.55
CA GLN B 298 13.39 15.20 -10.49
C GLN B 298 13.04 14.68 -11.88
N ARG B 299 13.76 13.67 -12.35
CA ARG B 299 13.53 13.16 -13.70
C ARG B 299 12.17 12.51 -13.83
N GLU B 300 11.76 11.70 -12.86
CA GLU B 300 10.54 10.91 -13.03
C GLU B 300 9.29 11.74 -12.80
N THR B 301 9.29 12.65 -11.82
CA THR B 301 8.14 13.51 -11.63
C THR B 301 7.93 14.42 -12.82
N GLY B 302 9.03 14.93 -13.40
CA GLY B 302 8.90 15.78 -14.57
C GLY B 302 8.16 15.12 -15.71
N LYS B 303 8.39 13.83 -15.91
CA LYS B 303 7.58 13.07 -16.86
C LYS B 303 6.09 13.18 -16.53
N LEU B 304 5.78 13.58 -15.30
CA LEU B 304 4.42 13.78 -14.78
C LEU B 304 3.80 12.44 -14.44
ZN ZN C . -23.33 -7.09 -15.59
#